data_3CVI
#
_entry.id   3CVI
#
_cell.length_a   49.440
_cell.length_b   60.860
_cell.length_c   79.750
_cell.angle_alpha   90.000
_cell.angle_beta   111.970
_cell.angle_gamma   90.000
#
_symmetry.space_group_name_H-M   'P 1 21 1'
#
loop_
_entity.id
_entity.type
_entity.pdbx_description
1 polymer '25-D1.16 Heavy chain'
2 polymer '25-D1.16 Light chain'
3 water water
#
loop_
_entity_poly.entity_id
_entity_poly.type
_entity_poly.pdbx_seq_one_letter_code
_entity_poly.pdbx_strand_id
1 'polypeptide(L)'
;VLLQQSGPELVKPGASVKIPCKASGYTFTDYNMDWVKQSHGKSLEWIGDINPNNGGTIYNQKFKGKATLTVDKSSSAAYM
EVRSLTSEDTAVYYCARKPYYGNFAWFAYWGQGTLVTVSAAKTTPPSVYPLAPGSAAQTNSMVTLGCLVKGYFPEPVTVT
WNSGSLSSGVHTFPAVLQSDLYTLSSSVTVPSSTWPSETVTCNVAHPASSTKVDKKIVP
;
H
2 'polypeptide(L)'
;IQVTQSSSSFSVSLGDRVTITCKASEDIYNRLAWYQQKPGNAPRLLISGATSLETGVPDRFSGSGSRKDYTLIITSLQTE
DVATYYCQQYWSTPLTFGAGTKLELKRADAAPTVSIFPPSSEQLTSGGASVVCFLNNFYPKDINVKWKIDGSERQNGVLN
SWTDQDSKDSTYSMSSTLTLTKDEYERHNSYTCEATHKTSTSPIVKSFN
;
L
#
# COMPACT_ATOMS: atom_id res chain seq x y z
N VAL A 1 6.93 -22.55 14.70
CA VAL A 1 7.65 -22.20 13.43
C VAL A 1 7.76 -20.68 13.30
N LEU A 2 8.98 -20.18 13.21
CA LEU A 2 9.20 -18.74 13.09
C LEU A 2 10.22 -18.44 11.99
N LEU A 3 9.86 -17.51 11.10
CA LEU A 3 10.72 -17.07 10.02
C LEU A 3 10.95 -15.59 10.27
N GLN A 4 12.15 -15.26 10.71
CA GLN A 4 12.52 -13.89 11.07
C GLN A 4 13.30 -13.16 9.99
N GLN A 5 12.76 -12.03 9.54
CA GLN A 5 13.44 -11.25 8.52
C GLN A 5 13.75 -9.88 9.10
N SER A 6 14.83 -9.26 8.63
CA SER A 6 15.23 -7.94 9.11
C SER A 6 14.28 -6.84 8.65
N GLY A 7 14.35 -5.70 9.32
CA GLY A 7 13.48 -4.58 9.00
C GLY A 7 13.77 -3.88 7.67
N PRO A 8 13.12 -2.73 7.40
CA PRO A 8 13.31 -1.96 6.17
C PRO A 8 14.76 -1.77 5.76
N GLU A 9 15.03 -1.86 4.46
CA GLU A 9 16.40 -1.72 3.94
C GLU A 9 16.48 -0.55 2.97
N LEU A 10 17.44 0.34 3.19
CA LEU A 10 17.65 1.45 2.26
C LEU A 10 18.97 1.14 1.58
N VAL A 11 18.95 1.01 0.25
CA VAL A 11 20.15 0.68 -0.51
C VAL A 11 20.31 1.61 -1.72
N LYS A 12 21.56 1.92 -2.06
CA LYS A 12 21.85 2.80 -3.20
C LYS A 12 21.74 2.04 -4.52
N PRO A 13 21.38 2.75 -5.61
CA PRO A 13 21.26 2.07 -6.91
C PRO A 13 22.62 1.49 -7.26
N GLY A 14 22.62 0.30 -7.84
CA GLY A 14 23.86 -0.34 -8.22
C GLY A 14 24.45 -1.23 -7.13
N ALA A 15 24.07 -1.00 -5.89
CA ALA A 15 24.60 -1.82 -4.81
C ALA A 15 23.87 -3.16 -4.66
N SER A 16 24.30 -3.94 -3.68
CA SER A 16 23.72 -5.24 -3.40
C SER A 16 23.26 -5.28 -1.96
N VAL A 17 22.27 -6.12 -1.69
CA VAL A 17 21.76 -6.27 -0.34
C VAL A 17 21.53 -7.76 -0.11
N LYS A 18 21.81 -8.20 1.10
CA LYS A 18 21.64 -9.61 1.46
C LYS A 18 20.55 -9.67 2.53
N ILE A 19 19.41 -10.26 2.15
CA ILE A 19 18.23 -10.37 3.01
C ILE A 19 18.22 -11.71 3.76
N PRO A 20 18.24 -11.67 5.10
CA PRO A 20 18.25 -12.88 5.92
C PRO A 20 16.85 -13.38 6.33
N CYS A 21 16.75 -14.70 6.49
CA CYS A 21 15.52 -15.33 6.93
C CYS A 21 15.92 -16.38 7.96
N LYS A 22 15.83 -15.98 9.24
CA LYS A 22 16.21 -16.86 10.36
C LYS A 22 15.05 -17.76 10.72
N ALA A 23 15.26 -19.06 10.65
CA ALA A 23 14.21 -20.00 10.98
C ALA A 23 14.45 -20.65 12.33
N SER A 24 13.36 -21.01 12.99
CA SER A 24 13.43 -21.68 14.27
C SER A 24 12.08 -22.33 14.50
N GLY A 25 12.06 -23.31 15.40
CA GLY A 25 10.82 -23.99 15.71
C GLY A 25 10.65 -25.27 14.92
N TYR A 26 11.66 -25.64 14.13
CA TYR A 26 11.61 -26.88 13.34
C TYR A 26 12.99 -27.26 12.85
N THR A 27 13.15 -28.48 12.35
CA THR A 27 14.47 -28.90 11.85
C THR A 27 14.72 -28.18 10.52
N PHE A 28 15.52 -27.12 10.60
CA PHE A 28 15.85 -26.30 9.45
C PHE A 28 16.14 -27.04 8.13
N THR A 29 17.00 -28.05 8.20
CA THR A 29 17.39 -28.79 6.99
C THR A 29 16.36 -29.75 6.43
N ASP A 30 15.22 -29.92 7.10
CA ASP A 30 14.21 -30.84 6.61
C ASP A 30 13.12 -30.19 5.75
N TYR A 31 13.17 -28.87 5.56
CA TYR A 31 12.14 -28.19 4.75
C TYR A 31 12.76 -27.21 3.77
N ASN A 32 12.28 -27.17 2.54
CA ASN A 32 12.83 -26.24 1.57
C ASN A 32 12.32 -24.84 1.87
N MET A 33 13.06 -23.83 1.45
CA MET A 33 12.67 -22.44 1.69
C MET A 33 12.58 -21.72 0.36
N ASP A 34 11.56 -20.89 0.17
CA ASP A 34 11.38 -20.15 -1.08
C ASP A 34 11.33 -18.67 -0.80
N TRP A 35 11.41 -17.87 -1.86
CA TRP A 35 11.35 -16.41 -1.75
C TRP A 35 10.34 -15.91 -2.76
N VAL A 36 9.64 -14.84 -2.36
CA VAL A 36 8.60 -14.22 -3.14
C VAL A 36 8.79 -12.70 -3.13
N LYS A 37 8.51 -12.06 -4.26
CA LYS A 37 8.66 -10.62 -4.38
C LYS A 37 7.28 -9.98 -4.51
N GLN A 38 7.05 -8.87 -3.79
CA GLN A 38 5.76 -8.20 -3.90
C GLN A 38 5.99 -6.69 -4.00
N SER A 39 5.63 -6.10 -5.14
CA SER A 39 5.82 -4.67 -5.32
C SER A 39 4.62 -3.91 -4.72
N HIS A 40 4.85 -2.66 -4.30
CA HIS A 40 3.79 -1.85 -3.70
C HIS A 40 2.48 -1.99 -4.45
N GLY A 41 1.45 -2.42 -3.72
CA GLY A 41 0.13 -2.61 -4.29
C GLY A 41 0.08 -3.46 -5.53
N LYS A 42 0.94 -4.47 -5.61
CA LYS A 42 0.96 -5.33 -6.80
C LYS A 42 0.82 -6.80 -6.44
N SER A 43 1.03 -7.67 -7.43
CA SER A 43 0.88 -9.08 -7.22
C SER A 43 2.14 -9.74 -6.66
N LEU A 44 2.02 -11.01 -6.34
CA LEU A 44 3.10 -11.79 -5.78
C LEU A 44 3.86 -12.46 -6.92
N GLU A 45 5.18 -12.44 -6.83
CA GLU A 45 6.01 -13.04 -7.86
C GLU A 45 7.00 -14.01 -7.20
N TRP A 46 7.00 -15.27 -7.67
CA TRP A 46 7.90 -16.29 -7.13
C TRP A 46 9.33 -16.12 -7.66
N ILE A 47 10.31 -16.14 -6.76
CA ILE A 47 11.72 -15.96 -7.11
C ILE A 47 12.50 -17.26 -7.21
N GLY A 48 12.40 -18.10 -6.17
CA GLY A 48 13.14 -19.35 -6.21
C GLY A 48 12.95 -20.23 -5.00
N ASP A 49 13.66 -21.36 -5.02
CA ASP A 49 13.57 -22.37 -4.00
C ASP A 49 14.96 -22.95 -3.70
N ILE A 50 15.21 -23.25 -2.43
CA ILE A 50 16.48 -23.81 -2.03
C ILE A 50 16.32 -24.96 -1.03
N ASN A 51 17.13 -25.99 -1.21
CA ASN A 51 17.12 -27.15 -0.31
C ASN A 51 18.25 -26.85 0.67
N PRO A 52 17.92 -26.64 1.95
CA PRO A 52 18.93 -26.33 2.97
C PRO A 52 19.88 -27.49 3.29
N ASN A 53 19.45 -28.71 2.98
CA ASN A 53 20.28 -29.89 3.24
C ASN A 53 21.48 -29.98 2.29
N ASN A 54 21.24 -29.80 0.99
CA ASN A 54 22.33 -29.87 0.01
C ASN A 54 22.63 -28.54 -0.71
N GLY A 55 21.90 -27.49 -0.38
CA GLY A 55 22.13 -26.19 -1.00
C GLY A 55 21.59 -26.06 -2.42
N GLY A 56 20.93 -27.12 -2.90
CA GLY A 56 20.39 -27.11 -4.24
C GLY A 56 19.33 -26.04 -4.45
N THR A 57 19.42 -25.35 -5.59
CA THR A 57 18.49 -24.27 -5.93
C THR A 57 17.75 -24.45 -7.24
N ILE A 58 16.58 -23.82 -7.31
CA ILE A 58 15.72 -23.82 -8.47
C ILE A 58 15.18 -22.38 -8.54
N TYR A 59 15.40 -21.71 -9.67
CA TYR A 59 14.99 -20.32 -9.85
C TYR A 59 13.89 -20.07 -10.88
N ASN A 60 13.17 -18.98 -10.66
CA ASN A 60 12.19 -18.53 -11.62
C ASN A 60 13.26 -17.87 -12.53
N GLN A 61 13.30 -18.29 -13.79
CA GLN A 61 14.29 -17.81 -14.75
C GLN A 61 14.45 -16.29 -14.83
N LYS A 62 13.33 -15.59 -14.70
CA LYS A 62 13.32 -14.16 -14.72
C LYS A 62 14.34 -13.53 -13.77
N PHE A 63 14.51 -14.10 -12.57
CA PHE A 63 15.43 -13.57 -11.56
C PHE A 63 16.87 -14.09 -11.54
N LYS A 64 17.22 -14.94 -12.51
CA LYS A 64 18.60 -15.47 -12.58
C LYS A 64 19.57 -14.30 -12.60
N GLY A 65 20.65 -14.38 -11.83
CA GLY A 65 21.61 -13.30 -11.80
C GLY A 65 21.17 -12.20 -10.83
N LYS A 66 19.95 -11.70 -11.00
CA LYS A 66 19.43 -10.64 -10.12
C LYS A 66 19.39 -11.12 -8.65
N ALA A 67 18.94 -12.35 -8.43
CA ALA A 67 18.84 -12.88 -7.07
C ALA A 67 19.67 -14.14 -6.89
N THR A 68 20.27 -14.30 -5.71
CA THR A 68 21.08 -15.48 -5.45
C THR A 68 20.65 -16.02 -4.08
N LEU A 69 20.24 -17.29 -4.06
CA LEU A 69 19.80 -17.92 -2.82
C LEU A 69 20.86 -18.79 -2.19
N THR A 70 21.06 -18.66 -0.89
CA THR A 70 22.03 -19.49 -0.18
C THR A 70 21.48 -19.82 1.19
N VAL A 71 22.15 -20.71 1.90
CA VAL A 71 21.73 -21.06 3.25
C VAL A 71 22.96 -21.26 4.13
N ASP A 72 22.74 -21.18 5.44
CA ASP A 72 23.78 -21.39 6.43
C ASP A 72 23.15 -22.32 7.46
N LYS A 73 23.18 -23.62 7.16
CA LYS A 73 22.57 -24.61 8.04
C LYS A 73 23.01 -24.54 9.49
N SER A 74 24.30 -24.35 9.72
CA SER A 74 24.82 -24.29 11.09
C SER A 74 24.13 -23.19 11.90
N SER A 75 23.47 -22.25 11.22
CA SER A 75 22.79 -21.18 11.93
C SER A 75 21.30 -21.08 11.59
N SER A 76 20.75 -22.14 11.02
CA SER A 76 19.34 -22.21 10.62
C SER A 76 18.87 -20.93 9.96
N ALA A 77 19.60 -20.48 8.95
CA ALA A 77 19.23 -19.27 8.24
C ALA A 77 19.31 -19.41 6.72
N ALA A 78 18.39 -18.73 6.04
CA ALA A 78 18.37 -18.72 4.58
C ALA A 78 18.63 -17.27 4.18
N TYR A 79 19.25 -17.07 3.03
CA TYR A 79 19.57 -15.74 2.57
C TYR A 79 19.27 -15.55 1.09
N MET A 80 18.92 -14.32 0.74
CA MET A 80 18.71 -13.98 -0.68
C MET A 80 19.47 -12.70 -0.91
N GLU A 81 20.39 -12.71 -1.86
CA GLU A 81 21.15 -11.51 -2.18
C GLU A 81 20.63 -10.96 -3.51
N VAL A 82 20.30 -9.68 -3.51
CA VAL A 82 19.80 -9.01 -4.72
C VAL A 82 20.90 -8.04 -5.13
N ARG A 83 21.29 -8.10 -6.41
CA ARG A 83 22.39 -7.28 -6.88
C ARG A 83 22.04 -6.26 -7.96
N SER A 84 22.93 -5.28 -8.13
CA SER A 84 22.75 -4.25 -9.15
C SER A 84 21.35 -3.67 -9.07
N LEU A 85 20.95 -3.31 -7.84
CA LEU A 85 19.64 -2.76 -7.53
C LEU A 85 19.27 -1.53 -8.34
N THR A 86 18.02 -1.51 -8.78
CA THR A 86 17.48 -0.39 -9.51
C THR A 86 16.11 -0.09 -8.87
N SER A 87 15.44 0.94 -9.37
CA SER A 87 14.11 1.35 -8.89
C SER A 87 13.08 0.24 -8.97
N GLU A 88 13.22 -0.62 -9.98
CA GLU A 88 12.28 -1.71 -10.16
C GLU A 88 12.44 -2.80 -9.10
N ASP A 89 13.54 -2.76 -8.35
CA ASP A 89 13.75 -3.75 -7.32
C ASP A 89 13.08 -3.34 -6.02
N THR A 90 12.57 -2.12 -5.94
CA THR A 90 11.93 -1.70 -4.70
C THR A 90 10.67 -2.52 -4.49
N ALA A 91 10.61 -3.24 -3.39
CA ALA A 91 9.48 -4.09 -3.06
C ALA A 91 9.70 -4.78 -1.73
N VAL A 92 8.71 -5.58 -1.32
CA VAL A 92 8.82 -6.34 -0.10
C VAL A 92 9.25 -7.73 -0.56
N TYR A 93 10.27 -8.29 0.08
CA TYR A 93 10.75 -9.62 -0.27
C TYR A 93 10.51 -10.54 0.93
N TYR A 94 9.73 -11.59 0.68
CA TYR A 94 9.36 -12.59 1.69
C TYR A 94 10.09 -13.91 1.54
N CYS A 95 10.36 -14.59 2.66
CA CYS A 95 10.87 -15.95 2.55
C CYS A 95 9.63 -16.71 2.99
N ALA A 96 9.50 -17.97 2.58
CA ALA A 96 8.33 -18.76 2.95
C ALA A 96 8.78 -20.19 2.91
N ARG A 97 8.36 -20.97 3.89
CA ARG A 97 8.76 -22.38 3.98
C ARG A 97 7.73 -23.32 3.34
N LYS A 98 8.22 -24.36 2.67
CA LYS A 98 7.31 -25.35 2.07
C LYS A 98 7.00 -26.47 3.07
N PRO A 99 6.07 -27.38 2.75
CA PRO A 99 5.75 -28.48 3.68
C PRO A 99 6.87 -29.52 3.63
N TYR A 100 6.82 -30.51 4.54
CA TYR A 100 7.85 -31.55 4.57
C TYR A 100 7.94 -32.19 3.19
N TYR A 101 6.79 -32.51 2.59
CA TYR A 101 6.78 -33.04 1.24
C TYR A 101 6.73 -31.79 0.36
N GLY A 102 7.91 -31.32 -0.04
CA GLY A 102 8.04 -30.11 -0.84
C GLY A 102 7.29 -30.04 -2.16
N ASN A 103 6.97 -31.20 -2.71
CA ASN A 103 6.20 -31.35 -3.95
C ASN A 103 4.96 -30.45 -3.87
N PHE A 104 4.33 -30.39 -2.71
CA PHE A 104 3.14 -29.58 -2.55
C PHE A 104 3.62 -28.17 -2.21
N ALA A 105 4.02 -27.46 -3.26
CA ALA A 105 4.59 -26.13 -3.12
C ALA A 105 3.67 -24.97 -2.75
N TRP A 106 3.03 -25.06 -1.58
CA TRP A 106 2.20 -23.97 -1.07
C TRP A 106 2.88 -23.45 0.20
N PHE A 107 2.53 -22.24 0.62
CA PHE A 107 3.23 -21.65 1.76
C PHE A 107 2.34 -21.30 2.94
N ALA A 108 2.46 -22.13 3.97
CA ALA A 108 1.68 -21.94 5.18
C ALA A 108 2.45 -21.04 6.15
N TYR A 109 3.76 -20.97 6.00
CA TYR A 109 4.58 -20.15 6.87
C TYR A 109 5.39 -19.12 6.08
N TRP A 110 5.23 -17.85 6.48
CA TRP A 110 5.89 -16.72 5.84
C TRP A 110 6.65 -15.86 6.84
N GLY A 111 7.71 -15.21 6.36
CA GLY A 111 8.45 -14.27 7.18
C GLY A 111 7.65 -12.98 7.09
N GLN A 112 7.94 -12.00 7.94
CA GLN A 112 7.18 -10.75 7.91
C GLN A 112 7.45 -9.95 6.65
N GLY A 113 8.51 -10.33 5.94
CA GLY A 113 8.86 -9.64 4.72
C GLY A 113 9.82 -8.48 4.98
N THR A 114 10.73 -8.22 4.03
CA THR A 114 11.69 -7.12 4.15
C THR A 114 11.50 -6.11 3.02
N LEU A 115 11.19 -4.86 3.38
CA LEU A 115 11.00 -3.84 2.37
C LEU A 115 12.39 -3.34 1.91
N VAL A 116 12.66 -3.40 0.62
CA VAL A 116 13.94 -2.90 0.15
C VAL A 116 13.60 -1.70 -0.71
N THR A 117 14.04 -0.52 -0.29
CA THR A 117 13.79 0.71 -1.05
C THR A 117 15.13 1.14 -1.67
N VAL A 118 15.17 1.20 -2.99
CA VAL A 118 16.39 1.59 -3.70
C VAL A 118 16.34 3.07 -4.00
N SER A 119 17.20 3.87 -3.37
CA SER A 119 17.22 5.32 -3.64
C SER A 119 18.60 5.90 -3.39
N ALA A 120 18.91 7.00 -4.06
CA ALA A 120 20.19 7.69 -3.91
C ALA A 120 19.99 8.94 -3.05
N ALA A 121 18.77 9.17 -2.59
CA ALA A 121 18.51 10.35 -1.80
C ALA A 121 19.22 10.26 -0.44
N LYS A 122 19.49 11.42 0.14
CA LYS A 122 20.12 11.43 1.44
C LYS A 122 19.04 11.80 2.45
N THR A 123 19.27 11.45 3.72
CA THR A 123 18.34 11.76 4.81
C THR A 123 18.05 13.25 4.73
N THR A 124 16.77 13.59 4.68
CA THR A 124 16.37 14.98 4.56
C THR A 124 15.11 15.19 5.37
N PRO A 125 15.10 16.19 6.26
CA PRO A 125 13.95 16.48 7.10
C PRO A 125 12.82 17.14 6.30
N PRO A 126 11.57 16.97 6.74
CA PRO A 126 10.44 17.56 6.01
C PRO A 126 10.25 19.04 6.27
N SER A 127 9.66 19.76 5.32
CA SER A 127 9.33 21.17 5.58
C SER A 127 7.86 20.98 5.95
N VAL A 128 7.39 21.64 7.01
CA VAL A 128 6.01 21.50 7.47
C VAL A 128 5.26 22.81 7.31
N TYR A 129 4.24 22.81 6.44
CA TYR A 129 3.48 24.04 6.19
C TYR A 129 2.04 23.95 6.63
N PRO A 130 1.55 25.00 7.31
CA PRO A 130 0.16 25.06 7.80
C PRO A 130 -0.81 25.32 6.64
N LEU A 131 -1.99 24.71 6.67
CA LEU A 131 -2.98 24.92 5.64
C LEU A 131 -4.22 25.52 6.32
N ALA A 132 -4.41 26.82 6.13
CA ALA A 132 -5.54 27.51 6.76
C ALA A 132 -6.56 27.95 5.71
N PRO A 133 -7.86 27.87 6.04
CA PRO A 133 -8.97 28.23 5.15
C PRO A 133 -8.73 29.53 4.41
N GLY A 134 -8.98 29.48 3.10
CA GLY A 134 -8.81 30.64 2.24
C GLY A 134 -9.09 30.22 0.82
N SER A 141 -21.25 24.07 10.24
CA SER A 141 -20.37 24.85 11.08
C SER A 141 -19.07 24.10 11.37
N MET A 142 -18.55 23.42 10.36
CA MET A 142 -17.30 22.67 10.49
C MET A 142 -16.26 23.28 9.56
N VAL A 143 -15.03 23.41 10.07
CA VAL A 143 -13.94 23.98 9.30
C VAL A 143 -12.80 22.96 9.14
N THR A 144 -12.25 22.84 7.94
CA THR A 144 -11.17 21.90 7.68
C THR A 144 -9.85 22.64 7.59
N LEU A 145 -8.85 22.11 8.31
CA LEU A 145 -7.50 22.67 8.33
C LEU A 145 -6.55 21.58 7.85
N GLY A 146 -5.29 21.93 7.62
CA GLY A 146 -4.37 20.91 7.14
C GLY A 146 -2.92 21.22 7.39
N CYS A 147 -2.08 20.29 6.97
CA CYS A 147 -0.66 20.39 7.16
C CYS A 147 -0.03 19.67 5.96
N LEU A 148 0.88 20.35 5.28
CA LEU A 148 1.59 19.78 4.14
C LEU A 148 3.00 19.46 4.63
N VAL A 149 3.46 18.23 4.42
CA VAL A 149 4.77 17.76 4.88
C VAL A 149 5.54 17.39 3.62
N LYS A 150 6.47 18.25 3.18
CA LYS A 150 7.15 17.89 1.94
C LYS A 150 8.66 17.85 1.94
N GLY A 151 9.18 17.17 0.93
CA GLY A 151 10.62 17.05 0.73
C GLY A 151 11.40 16.36 1.83
N TYR A 152 10.95 15.17 2.26
CA TYR A 152 11.65 14.43 3.28
C TYR A 152 12.08 13.06 2.76
N PHE A 153 13.05 12.48 3.45
CA PHE A 153 13.54 11.15 3.11
C PHE A 153 14.34 10.58 4.27
N PRO A 154 14.17 9.29 4.57
CA PRO A 154 13.28 8.34 3.90
C PRO A 154 11.96 8.34 4.66
N GLU A 155 11.09 7.40 4.36
CA GLU A 155 9.85 7.30 5.11
C GLU A 155 10.27 6.66 6.43
N PRO A 156 9.45 6.80 7.47
CA PRO A 156 8.18 7.51 7.43
C PRO A 156 8.27 8.76 8.28
N VAL A 157 7.13 9.43 8.39
CA VAL A 157 6.97 10.62 9.23
C VAL A 157 5.73 10.28 10.05
N THR A 158 5.61 10.90 11.22
CA THR A 158 4.47 10.70 12.12
C THR A 158 3.76 12.03 12.23
N VAL A 159 2.46 12.02 11.99
CA VAL A 159 1.69 13.24 12.09
C VAL A 159 0.61 13.10 13.16
N THR A 160 0.50 14.10 14.03
CA THR A 160 -0.55 14.12 15.02
C THR A 160 -1.11 15.53 15.04
N TRP A 161 -2.25 15.69 15.70
CA TRP A 161 -2.90 16.99 15.83
C TRP A 161 -3.12 17.24 17.31
N ASN A 162 -2.74 18.43 17.77
CA ASN A 162 -2.88 18.77 19.18
C ASN A 162 -2.32 17.67 20.08
N SER A 163 -1.14 17.18 19.70
CA SER A 163 -0.44 16.13 20.42
C SER A 163 -1.26 14.85 20.57
N GLY A 164 -2.09 14.55 19.57
CA GLY A 164 -2.89 13.33 19.61
C GLY A 164 -4.26 13.46 20.26
N SER A 165 -4.63 14.65 20.70
CA SER A 165 -5.95 14.85 21.32
C SER A 165 -7.05 14.88 20.26
N LEU A 166 -6.67 15.11 19.01
CA LEU A 166 -7.65 15.12 17.92
C LEU A 166 -7.38 13.92 17.04
N SER A 167 -8.42 13.16 16.73
CA SER A 167 -8.28 11.98 15.89
C SER A 167 -9.51 11.71 15.02
N SER A 168 -10.69 11.84 15.61
CA SER A 168 -11.98 11.61 14.93
C SER A 168 -12.06 12.27 13.56
N GLY A 169 -11.77 13.56 13.51
CA GLY A 169 -11.85 14.31 12.26
C GLY A 169 -10.58 14.42 11.42
N VAL A 170 -9.61 13.56 11.67
CA VAL A 170 -8.35 13.59 10.95
C VAL A 170 -8.23 12.59 9.77
N HIS A 171 -7.58 13.02 8.69
CA HIS A 171 -7.28 12.13 7.55
C HIS A 171 -5.81 12.38 7.23
N THR A 172 -4.97 11.36 7.37
CA THR A 172 -3.58 11.53 7.02
C THR A 172 -3.36 10.63 5.82
N PHE A 173 -2.94 11.21 4.72
CA PHE A 173 -2.78 10.47 3.48
C PHE A 173 -1.46 9.77 3.30
N PRO A 174 -1.46 8.66 2.53
CA PRO A 174 -0.25 7.89 2.27
C PRO A 174 0.76 8.81 1.60
N ALA A 175 2.02 8.68 1.97
CA ALA A 175 3.03 9.52 1.36
C ALA A 175 3.18 9.15 -0.11
N VAL A 176 3.66 10.09 -0.91
CA VAL A 176 3.88 9.80 -2.32
C VAL A 176 5.25 10.35 -2.71
N LEU A 177 5.91 9.68 -3.64
CA LEU A 177 7.23 10.11 -4.07
C LEU A 177 7.11 11.24 -5.09
N GLN A 178 7.22 12.49 -4.64
CA GLN A 178 7.12 13.65 -5.53
C GLN A 178 8.32 13.70 -6.51
N SER A 179 9.53 13.63 -5.96
CA SER A 179 10.76 13.64 -6.76
C SER A 179 11.51 12.43 -6.21
N ASP A 180 12.69 12.62 -5.62
CA ASP A 180 13.33 11.48 -4.98
C ASP A 180 13.05 11.69 -3.50
N LEU A 181 12.24 12.71 -3.23
CA LEU A 181 11.82 13.02 -1.88
C LEU A 181 10.30 12.76 -1.77
N TYR A 182 9.85 12.44 -0.56
CA TYR A 182 8.45 12.14 -0.31
C TYR A 182 7.66 13.37 0.15
N THR A 183 6.34 13.31 -0.03
CA THR A 183 5.44 14.37 0.41
C THR A 183 4.14 13.72 0.85
N LEU A 184 3.54 14.29 1.89
CA LEU A 184 2.27 13.82 2.36
C LEU A 184 1.54 14.99 2.96
N SER A 185 0.26 14.81 3.19
CA SER A 185 -0.56 15.88 3.75
C SER A 185 -1.51 15.27 4.77
N SER A 186 -2.06 16.10 5.64
CA SER A 186 -2.99 15.59 6.63
C SER A 186 -4.02 16.67 6.87
N SER A 187 -5.28 16.28 6.98
CA SER A 187 -6.32 17.26 7.22
C SER A 187 -7.00 16.96 8.55
N VAL A 188 -7.63 17.98 9.11
CA VAL A 188 -8.36 17.82 10.36
C VAL A 188 -9.57 18.75 10.26
N THR A 189 -10.73 18.24 10.67
CA THR A 189 -11.95 19.03 10.64
C THR A 189 -12.43 19.24 12.06
N VAL A 190 -12.72 20.50 12.39
CA VAL A 190 -13.17 20.87 13.74
C VAL A 190 -14.32 21.87 13.69
N PRO A 191 -15.07 22.01 14.80
CA PRO A 191 -16.19 22.95 14.85
C PRO A 191 -15.66 24.37 14.68
N SER A 192 -16.46 25.20 14.03
CA SER A 192 -16.08 26.60 13.79
C SER A 192 -15.90 27.37 15.10
N SER A 193 -16.56 26.93 16.16
CA SER A 193 -16.46 27.62 17.44
C SER A 193 -15.18 27.34 18.20
N THR A 194 -14.45 26.30 17.80
CA THR A 194 -13.21 25.93 18.47
C THR A 194 -11.95 26.50 17.80
N TRP A 195 -12.12 27.03 16.59
CA TRP A 195 -11.01 27.60 15.83
C TRP A 195 -11.50 28.79 15.01
N PRO A 196 -10.72 29.88 14.97
CA PRO A 196 -9.41 30.06 15.62
C PRO A 196 -9.44 30.39 17.11
N SER A 197 -10.62 30.36 17.71
CA SER A 197 -10.73 30.69 19.14
C SER A 197 -9.80 29.83 20.00
N GLU A 198 -9.60 28.59 19.58
CA GLU A 198 -8.71 27.70 20.32
C GLU A 198 -7.60 27.23 19.38
N THR A 199 -6.44 26.95 19.96
CA THR A 199 -5.26 26.51 19.22
C THR A 199 -5.40 25.16 18.54
N VAL A 200 -4.97 25.05 17.29
CA VAL A 200 -4.96 23.77 16.56
C VAL A 200 -3.54 23.69 15.98
N THR A 201 -2.83 22.61 16.27
CA THR A 201 -1.44 22.47 15.84
C THR A 201 -1.13 21.08 15.30
N CYS A 202 -0.38 20.98 14.20
CA CYS A 202 -0.02 19.64 13.73
C CYS A 202 1.40 19.41 14.22
N ASN A 203 1.64 18.19 14.68
CA ASN A 203 2.95 17.81 15.19
C ASN A 203 3.51 16.79 14.22
N VAL A 204 4.70 17.06 13.70
CA VAL A 204 5.32 16.19 12.72
C VAL A 204 6.70 15.70 13.13
N ALA A 205 6.84 14.39 13.24
CA ALA A 205 8.14 13.82 13.60
C ALA A 205 8.70 13.01 12.44
N HIS A 206 10.02 13.08 12.27
CA HIS A 206 10.72 12.36 11.21
C HIS A 206 11.91 11.70 11.92
N PRO A 207 11.73 10.43 12.33
CA PRO A 207 12.74 9.61 13.02
C PRO A 207 14.12 9.59 12.38
N ALA A 208 14.16 9.40 11.06
CA ALA A 208 15.41 9.35 10.32
C ALA A 208 16.32 10.55 10.57
N SER A 209 15.76 11.74 10.66
CA SER A 209 16.57 12.93 10.88
C SER A 209 16.42 13.49 12.29
N SER A 210 15.82 12.71 13.18
CA SER A 210 15.57 13.12 14.57
C SER A 210 14.98 14.52 14.65
N THR A 211 14.00 14.82 13.79
CA THR A 211 13.36 16.12 13.82
C THR A 211 11.92 15.98 14.32
N LYS A 212 11.49 17.01 15.05
CA LYS A 212 10.13 17.07 15.60
C LYS A 212 9.71 18.54 15.44
N VAL A 213 8.60 18.76 14.74
CA VAL A 213 8.10 20.10 14.47
C VAL A 213 6.64 20.30 14.82
N ASP A 214 6.32 21.45 15.42
CA ASP A 214 4.95 21.77 15.75
C ASP A 214 4.57 22.99 14.93
N LYS A 215 3.48 22.87 14.17
CA LYS A 215 3.01 23.98 13.33
C LYS A 215 1.59 24.38 13.72
N LYS A 216 1.46 25.52 14.38
CA LYS A 216 0.14 25.99 14.76
C LYS A 216 -0.54 26.52 13.51
N ILE A 217 -1.83 26.23 13.37
CA ILE A 217 -2.56 26.71 12.21
C ILE A 217 -3.17 28.06 12.58
N VAL A 218 -2.83 29.11 11.84
CA VAL A 218 -3.37 30.45 12.12
C VAL A 218 -4.14 30.98 10.92
N PRO A 219 -5.19 31.78 11.16
CA PRO A 219 -6.03 32.37 10.11
C PRO A 219 -5.18 33.09 9.06
N ILE B 1 2.78 -21.55 -16.67
CA ILE B 1 1.30 -21.62 -16.43
C ILE B 1 0.85 -20.34 -15.76
N GLN B 2 -0.19 -19.72 -16.28
CA GLN B 2 -0.66 -18.48 -15.68
C GLN B 2 -2.02 -18.69 -15.02
N VAL B 3 -2.30 -17.92 -13.97
CA VAL B 3 -3.58 -18.00 -13.29
C VAL B 3 -4.18 -16.60 -13.32
N THR B 4 -5.38 -16.49 -13.88
CA THR B 4 -6.10 -15.22 -14.02
C THR B 4 -7.31 -15.15 -13.11
N GLN B 5 -7.38 -14.11 -12.28
CA GLN B 5 -8.50 -13.95 -11.37
C GLN B 5 -9.61 -13.04 -11.92
N SER B 6 -9.30 -12.30 -12.97
CA SER B 6 -10.26 -11.41 -13.62
C SER B 6 -10.79 -10.29 -12.72
N SER B 7 -11.56 -10.68 -11.71
CA SER B 7 -12.13 -9.70 -10.78
C SER B 7 -11.01 -9.02 -9.99
N SER B 8 -10.85 -7.72 -10.19
CA SER B 8 -9.81 -6.98 -9.49
C SER B 8 -10.34 -6.41 -8.18
N SER B 9 -11.59 -5.96 -8.19
CA SER B 9 -12.22 -5.40 -6.99
C SER B 9 -13.70 -5.75 -6.98
N PHE B 10 -14.22 -6.04 -5.78
CA PHE B 10 -15.62 -6.41 -5.63
C PHE B 10 -16.24 -5.73 -4.41
N SER B 11 -17.38 -5.07 -4.61
CA SER B 11 -18.09 -4.43 -3.52
C SER B 11 -19.01 -5.46 -2.90
N VAL B 12 -18.93 -5.63 -1.58
CA VAL B 12 -19.76 -6.61 -0.92
C VAL B 12 -20.38 -6.09 0.37
N SER B 13 -21.47 -6.74 0.80
CA SER B 13 -22.16 -6.37 2.02
C SER B 13 -22.03 -7.53 2.98
N LEU B 14 -22.01 -7.26 4.29
CA LEU B 14 -21.89 -8.33 5.26
C LEU B 14 -22.98 -9.38 5.06
N GLY B 15 -22.60 -10.65 5.14
CA GLY B 15 -23.56 -11.73 4.97
C GLY B 15 -23.67 -12.25 3.56
N ASP B 16 -23.12 -11.50 2.61
CA ASP B 16 -23.16 -11.89 1.20
C ASP B 16 -22.30 -13.13 0.92
N ARG B 17 -22.62 -13.81 -0.17
CA ARG B 17 -21.87 -15.00 -0.56
C ARG B 17 -21.05 -14.57 -1.76
N VAL B 18 -19.76 -14.35 -1.54
CA VAL B 18 -18.88 -13.90 -2.61
C VAL B 18 -18.15 -15.05 -3.30
N THR B 19 -17.98 -14.92 -4.61
CA THR B 19 -17.29 -15.92 -5.40
C THR B 19 -16.12 -15.26 -6.14
N ILE B 20 -14.93 -15.84 -6.00
CA ILE B 20 -13.75 -15.31 -6.68
C ILE B 20 -13.20 -16.42 -7.56
N THR B 21 -13.12 -16.17 -8.87
CA THR B 21 -12.64 -17.16 -9.83
C THR B 21 -11.15 -17.05 -10.16
N CYS B 22 -10.60 -18.15 -10.63
CA CYS B 22 -9.19 -18.25 -11.00
C CYS B 22 -9.13 -19.26 -12.14
N LYS B 23 -8.65 -18.84 -13.32
CA LYS B 23 -8.56 -19.77 -14.44
C LYS B 23 -7.10 -20.04 -14.80
N ALA B 24 -6.73 -21.31 -14.88
CA ALA B 24 -5.37 -21.69 -15.23
C ALA B 24 -5.25 -21.77 -16.74
N SER B 25 -4.07 -21.45 -17.26
CA SER B 25 -3.86 -21.51 -18.70
C SER B 25 -3.88 -22.96 -19.19
N GLU B 26 -3.75 -23.90 -18.25
CA GLU B 26 -3.77 -25.32 -18.59
C GLU B 26 -4.16 -26.16 -17.40
N ASP B 27 -4.51 -27.42 -17.64
CA ASP B 27 -4.91 -28.32 -16.57
C ASP B 27 -3.83 -28.32 -15.48
N ILE B 28 -4.22 -28.00 -14.25
CA ILE B 28 -3.28 -28.00 -13.13
C ILE B 28 -3.63 -29.09 -12.12
N TYR B 29 -4.62 -29.90 -12.47
CA TYR B 29 -5.02 -31.04 -11.65
C TYR B 29 -5.20 -30.79 -10.17
N ASN B 30 -5.97 -29.76 -9.83
CA ASN B 30 -6.24 -29.43 -8.44
C ASN B 30 -5.04 -28.99 -7.60
N ARG B 31 -3.92 -28.72 -8.24
CA ARG B 31 -2.73 -28.24 -7.54
C ARG B 31 -2.89 -26.71 -7.47
N LEU B 32 -3.81 -26.25 -6.64
CA LEU B 32 -4.06 -24.81 -6.49
C LEU B 32 -4.35 -24.44 -5.04
N ALA B 33 -3.77 -23.32 -4.62
CA ALA B 33 -3.92 -22.79 -3.27
C ALA B 33 -4.51 -21.39 -3.32
N TRP B 34 -5.13 -20.98 -2.21
CA TRP B 34 -5.71 -19.65 -2.09
C TRP B 34 -5.12 -18.99 -0.87
N TYR B 35 -4.84 -17.70 -0.99
CA TYR B 35 -4.28 -16.93 0.11
C TYR B 35 -5.09 -15.67 0.36
N GLN B 36 -5.02 -15.19 1.59
CA GLN B 36 -5.70 -13.95 1.98
C GLN B 36 -4.60 -13.01 2.45
N GLN B 37 -4.70 -11.74 2.08
CA GLN B 37 -3.71 -10.77 2.50
C GLN B 37 -4.35 -9.43 2.85
N LYS B 38 -3.92 -8.86 3.96
CA LYS B 38 -4.38 -7.56 4.42
C LYS B 38 -3.19 -6.61 4.42
N PRO B 39 -3.43 -5.30 4.28
CA PRO B 39 -2.37 -4.29 4.24
C PRO B 39 -1.27 -4.44 5.30
N GLY B 40 -0.03 -4.50 4.83
CA GLY B 40 1.12 -4.59 5.70
C GLY B 40 1.51 -5.98 6.22
N ASN B 41 0.63 -6.97 6.02
CA ASN B 41 0.87 -8.33 6.51
C ASN B 41 1.20 -9.33 5.40
N ALA B 42 1.81 -10.45 5.75
CA ALA B 42 2.15 -11.45 4.74
C ALA B 42 0.92 -12.24 4.35
N PRO B 43 0.95 -12.90 3.19
CA PRO B 43 -0.24 -13.67 2.82
C PRO B 43 -0.47 -14.76 3.87
N ARG B 44 -1.70 -15.25 3.92
CA ARG B 44 -2.12 -16.30 4.86
C ARG B 44 -2.76 -17.41 4.03
N LEU B 45 -2.28 -18.64 4.18
CA LEU B 45 -2.82 -19.76 3.42
C LEU B 45 -4.21 -20.15 3.92
N LEU B 46 -5.19 -20.14 3.03
CA LEU B 46 -6.56 -20.51 3.40
C LEU B 46 -6.91 -21.91 2.98
N ILE B 47 -6.59 -22.19 1.71
CA ILE B 47 -6.88 -23.48 1.09
C ILE B 47 -5.71 -24.03 0.26
N SER B 48 -5.57 -25.35 0.26
CA SER B 48 -4.56 -26.04 -0.53
C SER B 48 -5.26 -27.21 -1.23
N GLY B 49 -4.64 -27.75 -2.28
CA GLY B 49 -5.26 -28.85 -3.00
C GLY B 49 -6.66 -28.51 -3.48
N ALA B 50 -6.83 -27.24 -3.86
CA ALA B 50 -8.09 -26.69 -4.36
C ALA B 50 -9.30 -26.67 -3.43
N THR B 51 -9.40 -27.63 -2.53
CA THR B 51 -10.56 -27.70 -1.63
C THR B 51 -10.28 -27.95 -0.14
N SER B 52 -9.02 -28.12 0.24
CA SER B 52 -8.70 -28.36 1.64
C SER B 52 -8.46 -27.12 2.49
N LEU B 53 -9.31 -26.92 3.48
CA LEU B 53 -9.18 -25.79 4.36
C LEU B 53 -8.07 -25.99 5.38
N GLU B 54 -7.28 -24.95 5.57
CA GLU B 54 -6.20 -25.01 6.56
C GLU B 54 -6.81 -24.81 7.94
N THR B 55 -6.14 -25.34 8.97
CA THR B 55 -6.63 -25.21 10.34
C THR B 55 -6.76 -23.72 10.69
N GLY B 56 -7.78 -23.39 11.46
CA GLY B 56 -7.99 -22.01 11.88
C GLY B 56 -8.85 -21.23 10.91
N VAL B 57 -8.80 -21.62 9.65
CA VAL B 57 -9.59 -20.97 8.63
C VAL B 57 -11.06 -21.28 8.84
N PRO B 58 -11.87 -20.25 9.08
CA PRO B 58 -13.30 -20.42 9.31
C PRO B 58 -14.03 -21.19 8.21
N ASP B 59 -15.02 -21.96 8.65
CA ASP B 59 -15.84 -22.79 7.77
C ASP B 59 -16.51 -21.99 6.65
N ARG B 60 -16.60 -20.67 6.82
CA ARG B 60 -17.21 -19.82 5.80
C ARG B 60 -16.52 -20.00 4.47
N PHE B 61 -15.22 -20.27 4.51
CA PHE B 61 -14.43 -20.45 3.30
C PHE B 61 -14.51 -21.87 2.75
N SER B 62 -14.45 -21.99 1.43
CA SER B 62 -14.48 -23.29 0.77
C SER B 62 -13.95 -23.09 -0.65
N GLY B 63 -13.38 -24.14 -1.23
CA GLY B 63 -12.85 -24.03 -2.58
C GLY B 63 -13.39 -25.13 -3.46
N SER B 64 -13.43 -24.91 -4.77
CA SER B 64 -13.94 -25.92 -5.69
C SER B 64 -13.38 -25.73 -7.08
N GLY B 65 -13.95 -26.50 -8.01
CA GLY B 65 -13.53 -26.45 -9.39
C GLY B 65 -12.59 -27.58 -9.76
N SER B 66 -12.08 -27.54 -10.98
CA SER B 66 -11.13 -28.55 -11.43
C SER B 66 -10.61 -28.24 -12.83
N ARG B 67 -9.58 -28.96 -13.23
CA ARG B 67 -8.96 -28.77 -14.54
C ARG B 67 -8.34 -27.38 -14.64
N LYS B 68 -9.07 -26.44 -15.24
CA LYS B 68 -8.57 -25.10 -15.43
C LYS B 68 -9.37 -24.01 -14.71
N ASP B 69 -10.55 -24.38 -14.19
CA ASP B 69 -11.44 -23.45 -13.51
C ASP B 69 -11.56 -23.73 -12.01
N TYR B 70 -11.20 -22.76 -11.19
CA TYR B 70 -11.24 -22.93 -9.73
C TYR B 70 -11.95 -21.74 -9.07
N THR B 71 -12.62 -22.01 -7.96
CA THR B 71 -13.34 -20.95 -7.30
C THR B 71 -13.12 -20.95 -5.80
N LEU B 72 -13.19 -19.76 -5.21
CA LEU B 72 -13.06 -19.59 -3.77
C LEU B 72 -14.40 -18.97 -3.38
N ILE B 73 -15.09 -19.58 -2.43
CA ILE B 73 -16.40 -19.08 -2.00
C ILE B 73 -16.42 -18.71 -0.54
N ILE B 74 -17.06 -17.60 -0.23
CA ILE B 74 -17.20 -17.14 1.15
C ILE B 74 -18.70 -17.05 1.39
N THR B 75 -19.19 -17.93 2.25
CA THR B 75 -20.61 -17.98 2.56
C THR B 75 -21.13 -16.66 3.11
N SER B 76 -21.10 -16.53 4.44
CA SER B 76 -21.60 -15.31 5.09
C SER B 76 -20.45 -14.34 5.28
N LEU B 77 -20.15 -13.57 4.24
CA LEU B 77 -19.04 -12.61 4.32
C LEU B 77 -19.13 -11.73 5.56
N GLN B 78 -18.04 -11.71 6.32
CA GLN B 78 -17.95 -10.91 7.53
C GLN B 78 -16.92 -9.80 7.32
N THR B 79 -16.95 -8.78 8.17
CA THR B 79 -16.01 -7.65 8.07
C THR B 79 -14.55 -8.15 8.01
N GLU B 80 -14.24 -9.13 8.84
CA GLU B 80 -12.91 -9.73 8.92
C GLU B 80 -12.48 -10.33 7.58
N ASP B 81 -13.46 -10.54 6.71
CA ASP B 81 -13.22 -11.13 5.39
C ASP B 81 -12.82 -10.11 4.34
N VAL B 82 -12.87 -8.83 4.69
CA VAL B 82 -12.50 -7.80 3.73
C VAL B 82 -10.97 -7.82 3.60
N ALA B 83 -10.51 -8.09 2.39
CA ALA B 83 -9.08 -8.21 2.11
C ALA B 83 -8.85 -8.54 0.65
N THR B 84 -7.61 -8.88 0.31
CA THR B 84 -7.27 -9.26 -1.06
C THR B 84 -7.06 -10.78 -1.05
N TYR B 85 -7.48 -11.43 -2.12
CA TYR B 85 -7.34 -12.89 -2.21
C TYR B 85 -6.54 -13.25 -3.43
N TYR B 86 -5.63 -14.21 -3.27
CA TYR B 86 -4.77 -14.65 -4.36
C TYR B 86 -4.82 -16.15 -4.55
N CYS B 87 -4.84 -16.61 -5.81
CA CYS B 87 -4.76 -18.06 -6.06
C CYS B 87 -3.33 -18.30 -6.53
N GLN B 88 -2.89 -19.55 -6.49
CA GLN B 88 -1.54 -19.88 -6.89
C GLN B 88 -1.49 -21.33 -7.32
N GLN B 89 -0.88 -21.59 -8.47
CA GLN B 89 -0.77 -22.99 -8.93
C GLN B 89 0.60 -23.52 -8.59
N TYR B 90 0.68 -24.82 -8.34
CA TYR B 90 1.96 -25.45 -8.04
C TYR B 90 2.07 -26.77 -8.77
N TRP B 91 1.43 -26.86 -9.94
CA TRP B 91 1.53 -28.08 -10.71
C TRP B 91 2.87 -28.05 -11.45
N SER B 92 3.33 -26.86 -11.82
CA SER B 92 4.64 -26.77 -12.49
C SER B 92 5.42 -25.52 -12.11
N THR B 93 6.74 -25.54 -12.30
CA THR B 93 7.55 -24.37 -12.00
C THR B 93 7.77 -23.62 -13.30
N PRO B 94 7.90 -22.30 -13.24
CA PRO B 94 7.84 -21.47 -12.03
C PRO B 94 6.46 -21.41 -11.37
N LEU B 95 6.41 -21.26 -10.06
CA LEU B 95 5.14 -21.15 -9.37
C LEU B 95 4.56 -19.80 -9.80
N THR B 96 3.26 -19.73 -10.03
CA THR B 96 2.68 -18.45 -10.42
C THR B 96 1.45 -18.13 -9.57
N PHE B 97 1.23 -16.83 -9.38
CA PHE B 97 0.11 -16.31 -8.59
C PHE B 97 -0.81 -15.44 -9.45
N GLY B 98 -2.10 -15.44 -9.12
CA GLY B 98 -3.02 -14.56 -9.84
C GLY B 98 -2.74 -13.14 -9.36
N ALA B 99 -3.31 -12.17 -10.06
CA ALA B 99 -3.13 -10.75 -9.75
C ALA B 99 -3.76 -10.28 -8.44
N GLY B 100 -4.70 -11.06 -7.90
CA GLY B 100 -5.33 -10.71 -6.65
C GLY B 100 -6.66 -10.01 -6.85
N THR B 101 -7.63 -10.38 -6.02
CA THR B 101 -8.97 -9.82 -6.05
C THR B 101 -9.21 -9.14 -4.69
N LYS B 102 -9.41 -7.83 -4.70
CA LYS B 102 -9.64 -7.10 -3.45
C LYS B 102 -11.13 -6.91 -3.19
N LEU B 103 -11.58 -7.21 -1.98
CA LEU B 103 -12.99 -7.00 -1.66
C LEU B 103 -13.09 -5.72 -0.86
N GLU B 104 -14.16 -4.95 -1.07
CA GLU B 104 -14.38 -3.71 -0.31
C GLU B 104 -15.83 -3.74 0.17
N LEU B 105 -16.12 -3.03 1.27
CA LEU B 105 -17.45 -3.01 1.85
C LEU B 105 -18.40 -2.00 1.24
N LYS B 106 -19.61 -2.41 0.93
CA LYS B 106 -20.55 -1.48 0.34
C LYS B 106 -21.21 -0.64 1.46
N ARG B 107 -21.56 0.59 1.14
CA ARG B 107 -22.24 1.51 2.08
C ARG B 107 -23.02 2.56 1.29
N ALA B 108 -23.67 3.49 1.97
CA ALA B 108 -24.45 4.51 1.26
C ALA B 108 -23.54 5.43 0.46
N ASP B 109 -23.98 5.86 -0.73
CA ASP B 109 -23.20 6.79 -1.52
C ASP B 109 -23.08 8.08 -0.70
N ALA B 110 -21.95 8.77 -0.84
CA ALA B 110 -21.69 10.04 -0.14
C ALA B 110 -20.81 10.95 -0.97
N ALA B 111 -21.26 12.19 -1.15
CA ALA B 111 -20.50 13.19 -1.91
C ALA B 111 -19.25 13.56 -1.14
N PRO B 112 -18.15 13.85 -1.83
CA PRO B 112 -16.95 14.23 -1.08
C PRO B 112 -17.07 15.64 -0.50
N THR B 113 -16.44 15.87 0.65
CA THR B 113 -16.41 17.20 1.23
C THR B 113 -15.07 17.75 0.67
N VAL B 114 -15.14 18.82 -0.11
CA VAL B 114 -13.95 19.38 -0.75
C VAL B 114 -13.51 20.70 -0.15
N SER B 115 -12.22 20.81 0.14
CA SER B 115 -11.64 22.04 0.70
C SER B 115 -10.37 22.36 -0.09
N ILE B 116 -10.18 23.64 -0.44
CA ILE B 116 -8.99 24.05 -1.17
C ILE B 116 -8.20 25.00 -0.28
N PHE B 117 -6.87 24.92 -0.40
CA PHE B 117 -5.95 25.72 0.37
C PHE B 117 -4.83 26.34 -0.47
N PRO B 118 -4.67 27.67 -0.40
CA PRO B 118 -3.63 28.37 -1.14
C PRO B 118 -2.29 28.07 -0.45
N PRO B 119 -1.18 28.34 -1.13
CA PRO B 119 0.17 28.11 -0.57
C PRO B 119 0.35 28.95 0.69
N SER B 120 1.06 28.43 1.68
CA SER B 120 1.31 29.21 2.90
C SER B 120 2.43 30.20 2.64
N SER B 121 2.46 31.30 3.39
CA SER B 121 3.52 32.30 3.24
C SER B 121 4.84 31.59 3.53
N GLU B 122 4.82 30.63 4.45
CA GLU B 122 6.04 29.90 4.78
C GLU B 122 6.60 29.13 3.60
N GLN B 123 5.75 28.52 2.78
CA GLN B 123 6.29 27.80 1.63
C GLN B 123 6.77 28.78 0.57
N LEU B 124 6.06 29.89 0.38
CA LEU B 124 6.47 30.85 -0.63
C LEU B 124 7.90 31.34 -0.44
N THR B 125 8.32 31.47 0.81
CA THR B 125 9.68 31.93 1.09
C THR B 125 10.71 30.93 0.58
N SER B 126 10.30 29.68 0.46
CA SER B 126 11.19 28.61 -0.01
C SER B 126 11.26 28.58 -1.53
N GLY B 127 10.45 29.39 -2.17
CA GLY B 127 10.46 29.40 -3.63
C GLY B 127 9.45 28.43 -4.23
N GLY B 128 8.76 27.67 -3.40
CA GLY B 128 7.77 26.73 -3.90
C GLY B 128 6.34 27.16 -3.60
N ALA B 129 5.37 26.57 -4.30
CA ALA B 129 3.97 26.92 -4.08
C ALA B 129 3.08 25.71 -4.37
N SER B 130 2.50 25.17 -3.31
CA SER B 130 1.62 24.02 -3.41
C SER B 130 0.19 24.46 -3.10
N VAL B 131 -0.74 24.08 -3.97
CA VAL B 131 -2.15 24.37 -3.78
C VAL B 131 -2.70 22.99 -3.43
N VAL B 132 -3.40 22.89 -2.31
CA VAL B 132 -3.89 21.60 -1.84
C VAL B 132 -5.40 21.52 -1.82
N CYS B 133 -5.91 20.37 -2.21
CA CYS B 133 -7.34 20.13 -2.25
C CYS B 133 -7.61 18.76 -1.62
N PHE B 134 -8.43 18.77 -0.57
CA PHE B 134 -8.83 17.56 0.14
C PHE B 134 -10.25 17.19 -0.28
N LEU B 135 -10.46 15.93 -0.59
CA LEU B 135 -11.79 15.43 -0.97
C LEU B 135 -12.02 14.29 -0.01
N ASN B 136 -12.75 14.59 1.06
CA ASN B 136 -12.96 13.62 2.13
C ASN B 136 -14.31 12.93 2.29
N ASN B 137 -14.22 11.69 2.79
CA ASN B 137 -15.35 10.84 3.11
C ASN B 137 -16.41 10.67 2.03
N PHE B 138 -16.02 10.11 0.90
CA PHE B 138 -16.96 9.92 -0.20
C PHE B 138 -17.08 8.42 -0.52
N TYR B 139 -18.10 8.07 -1.29
CA TYR B 139 -18.33 6.68 -1.67
C TYR B 139 -19.31 6.74 -2.86
N PRO B 140 -19.11 5.91 -3.90
CA PRO B 140 -18.07 4.89 -4.08
C PRO B 140 -16.65 5.50 -4.29
N LYS B 141 -15.64 4.64 -4.34
CA LYS B 141 -14.26 5.12 -4.46
C LYS B 141 -13.85 5.85 -5.73
N ASP B 142 -14.56 5.58 -6.81
CA ASP B 142 -14.28 6.19 -8.11
C ASP B 142 -14.48 7.70 -8.12
N ILE B 143 -13.41 8.44 -8.40
CA ILE B 143 -13.51 9.88 -8.40
C ILE B 143 -12.44 10.46 -9.34
N ASN B 144 -12.72 11.64 -9.90
CA ASN B 144 -11.78 12.30 -10.78
C ASN B 144 -11.56 13.75 -10.32
N VAL B 145 -10.31 14.21 -10.34
CA VAL B 145 -10.02 15.58 -9.94
C VAL B 145 -9.34 16.31 -11.09
N LYS B 146 -9.80 17.53 -11.33
CA LYS B 146 -9.24 18.34 -12.40
C LYS B 146 -8.84 19.69 -11.82
N TRP B 147 -7.62 20.12 -12.17
CA TRP B 147 -7.11 21.41 -11.69
C TRP B 147 -7.14 22.42 -12.82
N LYS B 148 -7.52 23.65 -12.53
CA LYS B 148 -7.52 24.68 -13.53
C LYS B 148 -6.81 25.92 -13.00
N ILE B 149 -6.07 26.58 -13.87
CA ILE B 149 -5.34 27.77 -13.51
C ILE B 149 -5.82 28.81 -14.52
N ASP B 150 -6.42 29.89 -14.04
CA ASP B 150 -6.96 30.92 -14.93
C ASP B 150 -7.71 30.28 -16.07
N GLY B 151 -8.54 29.29 -15.72
CA GLY B 151 -9.37 28.62 -16.69
C GLY B 151 -8.76 27.48 -17.49
N SER B 152 -7.43 27.38 -17.56
CA SER B 152 -6.78 26.29 -18.32
C SER B 152 -6.52 25.08 -17.44
N GLU B 153 -6.80 23.89 -17.96
CA GLU B 153 -6.59 22.67 -17.20
C GLU B 153 -5.09 22.41 -17.04
N ARG B 154 -4.70 21.99 -15.83
CA ARG B 154 -3.32 21.71 -15.50
C ARG B 154 -3.16 20.25 -15.07
N GLN B 155 -2.26 19.55 -15.75
CA GLN B 155 -1.98 18.14 -15.50
C GLN B 155 -0.62 17.91 -14.83
N ASN B 156 0.41 18.59 -15.31
CA ASN B 156 1.74 18.42 -14.76
C ASN B 156 1.87 19.10 -13.40
N GLY B 157 2.62 18.49 -12.50
CA GLY B 157 2.78 19.06 -11.18
C GLY B 157 1.70 18.65 -10.20
N VAL B 158 0.81 17.76 -10.60
CA VAL B 158 -0.26 17.28 -9.74
C VAL B 158 0.08 15.95 -9.08
N LEU B 159 0.00 15.90 -7.76
CA LEU B 159 0.27 14.66 -7.06
C LEU B 159 -0.98 14.26 -6.28
N ASN B 160 -1.41 13.03 -6.47
CA ASN B 160 -2.62 12.53 -5.81
C ASN B 160 -2.31 11.40 -4.83
N SER B 161 -3.01 11.39 -3.69
CA SER B 161 -2.84 10.30 -2.74
C SER B 161 -4.24 9.86 -2.28
N TRP B 162 -4.49 8.55 -2.30
CA TRP B 162 -5.79 8.02 -1.91
C TRP B 162 -5.72 7.13 -0.67
N THR B 163 -6.67 7.28 0.24
CA THR B 163 -6.66 6.42 1.42
C THR B 163 -7.35 5.11 1.05
N ASP B 164 -7.07 4.09 1.85
CA ASP B 164 -7.70 2.79 1.66
C ASP B 164 -9.09 3.01 2.28
N GLN B 165 -10.01 2.09 2.04
CA GLN B 165 -11.34 2.23 2.61
C GLN B 165 -11.27 2.39 4.12
N ASP B 166 -11.98 3.37 4.67
CA ASP B 166 -11.96 3.62 6.11
C ASP B 166 -12.59 2.45 6.86
N SER B 167 -11.91 1.95 7.89
CA SER B 167 -12.43 0.83 8.66
C SER B 167 -13.58 1.24 9.59
N LYS B 168 -13.76 2.54 9.82
CA LYS B 168 -14.83 3.03 10.69
C LYS B 168 -16.12 3.30 9.90
N ASP B 169 -16.03 4.04 8.81
CA ASP B 169 -17.24 4.37 8.06
C ASP B 169 -17.34 3.89 6.62
N SER B 170 -16.36 3.11 6.18
CA SER B 170 -16.33 2.55 4.84
C SER B 170 -16.22 3.58 3.69
N THR B 171 -15.87 4.83 4.02
CA THR B 171 -15.72 5.84 2.97
C THR B 171 -14.25 5.89 2.51
N TYR B 172 -14.01 6.69 1.48
CA TYR B 172 -12.68 6.89 0.91
C TYR B 172 -12.38 8.38 0.96
N SER B 173 -11.10 8.75 0.97
CA SER B 173 -10.73 10.16 0.98
C SER B 173 -9.57 10.34 0.03
N MET B 174 -9.41 11.55 -0.47
CA MET B 174 -8.35 11.81 -1.43
C MET B 174 -7.74 13.17 -1.22
N SER B 175 -6.46 13.26 -1.50
CA SER B 175 -5.75 14.51 -1.39
C SER B 175 -5.06 14.77 -2.75
N SER B 176 -5.22 15.97 -3.28
CA SER B 176 -4.61 16.32 -4.55
C SER B 176 -3.82 17.60 -4.38
N THR B 177 -2.57 17.58 -4.78
CA THR B 177 -1.73 18.75 -4.63
C THR B 177 -1.11 19.22 -5.94
N LEU B 178 -1.26 20.52 -6.22
CA LEU B 178 -0.69 21.11 -7.43
C LEU B 178 0.49 21.93 -6.94
N THR B 179 1.70 21.57 -7.39
CA THR B 179 2.89 22.30 -6.95
C THR B 179 3.52 23.07 -8.10
N LEU B 180 3.82 24.33 -7.85
CA LEU B 180 4.43 25.20 -8.85
C LEU B 180 5.53 25.96 -8.17
N THR B 181 6.22 26.79 -8.94
CA THR B 181 7.27 27.58 -8.31
C THR B 181 6.52 28.79 -7.80
N LYS B 182 7.14 29.51 -6.89
CA LYS B 182 6.50 30.70 -6.39
C LYS B 182 6.23 31.64 -7.56
N ASP B 183 7.22 31.83 -8.43
CA ASP B 183 7.06 32.76 -9.56
C ASP B 183 5.84 32.44 -10.42
N GLU B 184 5.65 31.18 -10.78
CA GLU B 184 4.50 30.81 -11.59
C GLU B 184 3.22 31.01 -10.83
N TYR B 185 3.17 30.54 -9.58
CA TYR B 185 1.97 30.70 -8.77
C TYR B 185 1.58 32.17 -8.71
N GLU B 186 2.57 33.06 -8.66
CA GLU B 186 2.30 34.49 -8.58
C GLU B 186 1.89 35.11 -9.91
N ARG B 187 2.17 34.39 -11.00
CA ARG B 187 1.83 34.88 -12.34
C ARG B 187 0.34 34.71 -12.64
N HIS B 188 -0.30 33.80 -11.92
CA HIS B 188 -1.72 33.54 -12.14
C HIS B 188 -2.56 33.90 -10.96
N ASN B 189 -3.84 34.06 -11.19
CA ASN B 189 -4.74 34.49 -10.15
C ASN B 189 -5.78 33.47 -9.64
N SER B 190 -6.48 32.81 -10.56
CA SER B 190 -7.56 31.89 -10.19
C SER B 190 -7.18 30.41 -10.23
N TYR B 191 -7.31 29.76 -9.08
CA TYR B 191 -6.95 28.36 -8.91
C TYR B 191 -8.19 27.57 -8.53
N THR B 192 -8.43 26.47 -9.23
CA THR B 192 -9.62 25.67 -8.99
C THR B 192 -9.41 24.19 -9.05
N CYS B 193 -10.01 23.45 -8.12
CA CYS B 193 -9.96 21.99 -8.17
C CYS B 193 -11.42 21.58 -8.33
N GLU B 194 -11.65 20.70 -9.30
CA GLU B 194 -12.97 20.23 -9.64
C GLU B 194 -13.05 18.74 -9.47
N ALA B 195 -14.02 18.31 -8.69
CA ALA B 195 -14.21 16.88 -8.45
C ALA B 195 -15.47 16.37 -9.12
N THR B 196 -15.30 15.32 -9.91
CA THR B 196 -16.39 14.64 -10.59
C THR B 196 -16.65 13.35 -9.83
N HIS B 197 -17.88 13.19 -9.34
CA HIS B 197 -18.27 12.02 -8.57
C HIS B 197 -19.71 11.70 -8.94
N LYS B 198 -20.07 10.43 -8.91
CA LYS B 198 -21.44 10.05 -9.28
C LYS B 198 -22.54 10.68 -8.43
N THR B 199 -22.19 11.17 -7.24
CA THR B 199 -23.21 11.76 -6.38
C THR B 199 -23.70 13.13 -6.82
N SER B 200 -23.16 13.66 -7.90
CA SER B 200 -23.62 14.98 -8.37
C SER B 200 -23.47 15.09 -9.88
N THR B 201 -24.44 15.74 -10.52
CA THR B 201 -24.36 15.90 -11.98
C THR B 201 -23.32 16.96 -12.31
N SER B 202 -23.24 17.97 -11.47
CA SER B 202 -22.27 19.04 -11.64
C SER B 202 -21.05 18.73 -10.77
N PRO B 203 -19.85 19.01 -11.29
CA PRO B 203 -18.67 18.74 -10.47
C PRO B 203 -18.68 19.64 -9.26
N ILE B 204 -18.04 19.20 -8.17
CA ILE B 204 -17.96 20.02 -6.98
C ILE B 204 -16.75 20.90 -7.26
N VAL B 205 -16.95 22.20 -7.18
CA VAL B 205 -15.90 23.16 -7.49
C VAL B 205 -15.50 24.06 -6.34
N LYS B 206 -14.22 24.03 -6.00
CA LYS B 206 -13.71 24.90 -4.95
C LYS B 206 -12.63 25.71 -5.63
N SER B 207 -12.63 27.01 -5.37
CA SER B 207 -11.67 27.88 -6.01
C SER B 207 -11.29 29.07 -5.14
N PHE B 208 -10.29 29.80 -5.58
CA PHE B 208 -9.86 31.01 -4.88
C PHE B 208 -9.01 31.85 -5.83
N ASN B 209 -8.92 33.13 -5.54
CA ASN B 209 -8.13 34.06 -6.33
C ASN B 209 -6.98 34.62 -5.47
#